data_2OKL
#
_entry.id   2OKL
#
_cell.length_a   69.447
_cell.length_b   69.447
_cell.length_c   294.412
_cell.angle_alpha   90.00
_cell.angle_beta   90.00
_cell.angle_gamma   120.00
#
_symmetry.space_group_name_H-M   'P 65 2 2'
#
loop_
_entity.id
_entity.type
_entity.pdbx_description
1 polymer 'Peptide deformylase 2'
2 non-polymer 'ZINC ION'
3 non-polymer ACTINONIN
4 non-polymer 'CITRIC ACID'
5 water water
#
_entity_poly.entity_id   1
_entity_poly.type   'polypeptide(L)'
_entity_poly.pdbx_seq_one_letter_code
;HMLTMKDVIREGDPILRNVAEEVSLPASEEDTTTLKEMIEFVINSQDPEMAEKYSLRPGIGLAAPQIGVSKKMIAVHVTD
ADGTLYSHALFNPKIISHSVERTYLQGGEGCLSVDREVPGYVPRYTRITVKATSINGEEVKLRLKGLPAIVFQHEIDHLN
GVMFYDHINKENPFAAPDDSKPLER
;
_entity_poly.pdbx_strand_id   A,B
#
# COMPACT_ATOMS: atom_id res chain seq x y z
N HIS A 1 -4.62 -26.65 15.22
CA HIS A 1 -3.38 -25.89 14.90
C HIS A 1 -3.63 -24.84 13.82
N MET A 2 -3.11 -23.64 14.06
CA MET A 2 -3.26 -22.55 13.10
C MET A 2 -1.95 -21.80 12.93
N LEU A 3 -1.80 -21.17 11.78
CA LEU A 3 -0.59 -20.42 11.43
C LEU A 3 -0.52 -19.03 12.04
N THR A 4 0.70 -18.57 12.28
CA THR A 4 0.95 -17.24 12.83
C THR A 4 2.20 -16.74 12.12
N MET A 5 2.62 -15.51 12.43
CA MET A 5 3.81 -14.97 11.78
C MET A 5 5.07 -15.79 12.06
N LYS A 6 5.05 -16.54 13.14
CA LYS A 6 6.20 -17.36 13.50
C LYS A 6 6.43 -18.45 12.46
N ASP A 7 5.37 -18.85 11.77
CA ASP A 7 5.45 -19.89 10.76
C ASP A 7 5.91 -19.36 9.40
N VAL A 8 5.83 -18.04 9.23
CA VAL A 8 6.23 -17.42 7.97
C VAL A 8 7.73 -17.22 7.95
N ILE A 9 8.38 -17.81 6.94
CA ILE A 9 9.83 -17.68 6.82
C ILE A 9 10.14 -16.43 6.00
N ARG A 10 11.34 -15.89 6.18
CA ARG A 10 11.75 -14.68 5.46
C ARG A 10 12.77 -14.98 4.38
N GLU A 11 13.02 -14.01 3.50
CA GLU A 11 13.97 -14.18 2.42
C GLU A 11 15.31 -14.61 2.98
N GLY A 12 15.99 -15.49 2.24
CA GLY A 12 17.26 -16.01 2.68
C GLY A 12 17.11 -17.51 2.78
N ASP A 13 15.92 -17.94 3.18
CA ASP A 13 15.61 -19.34 3.30
C ASP A 13 15.56 -19.89 1.88
N PRO A 14 16.47 -20.81 1.52
CA PRO A 14 16.55 -21.42 0.19
C PRO A 14 15.22 -21.87 -0.40
N ILE A 15 14.31 -22.30 0.46
CA ILE A 15 13.01 -22.79 0.01
C ILE A 15 12.25 -21.77 -0.83
N LEU A 16 12.47 -20.48 -0.56
CA LEU A 16 11.79 -19.42 -1.29
C LEU A 16 12.34 -19.28 -2.71
N ARG A 17 13.48 -19.89 -2.97
CA ARG A 17 14.09 -19.83 -4.29
C ARG A 17 14.03 -21.14 -5.05
N ASN A 18 13.39 -22.15 -4.44
CA ASN A 18 13.26 -23.44 -5.10
C ASN A 18 11.92 -23.47 -5.83
N VAL A 19 11.73 -24.49 -6.67
CA VAL A 19 10.47 -24.64 -7.40
C VAL A 19 9.61 -25.63 -6.62
N ALA A 20 8.47 -25.15 -6.13
CA ALA A 20 7.56 -25.97 -5.36
C ALA A 20 7.16 -27.23 -6.12
N GLU A 21 6.99 -28.31 -5.37
CA GLU A 21 6.62 -29.60 -5.94
C GLU A 21 5.13 -29.70 -6.22
N GLU A 22 4.79 -30.31 -7.35
CA GLU A 22 3.39 -30.48 -7.73
C GLU A 22 2.69 -31.29 -6.64
N VAL A 23 1.47 -30.90 -6.31
CA VAL A 23 0.70 -31.61 -5.29
C VAL A 23 -0.01 -32.80 -5.93
N SER A 24 0.10 -33.96 -5.31
CA SER A 24 -0.57 -35.14 -5.83
C SER A 24 -2.06 -35.02 -5.54
N LEU A 25 -2.88 -35.18 -6.58
CA LEU A 25 -4.32 -35.07 -6.45
C LEU A 25 -4.97 -36.36 -6.94
N PRO A 26 -6.07 -36.80 -6.28
CA PRO A 26 -6.73 -36.19 -5.12
C PRO A 26 -5.79 -35.93 -3.94
N ALA A 27 -5.90 -34.74 -3.35
CA ALA A 27 -5.06 -34.34 -2.23
C ALA A 27 -5.23 -35.18 -0.97
N SER A 28 -4.12 -35.36 -0.24
CA SER A 28 -4.13 -36.11 1.00
C SER A 28 -4.67 -35.21 2.11
N GLU A 29 -4.96 -35.79 3.27
CA GLU A 29 -5.47 -35.01 4.40
C GLU A 29 -4.42 -33.98 4.81
N GLU A 30 -3.15 -34.38 4.76
CA GLU A 30 -2.04 -33.50 5.13
C GLU A 30 -2.02 -32.24 4.29
N ASP A 31 -1.99 -32.39 2.97
CA ASP A 31 -1.95 -31.25 2.06
C ASP A 31 -3.23 -30.41 2.14
N THR A 32 -4.36 -31.09 2.36
CA THR A 32 -5.63 -30.39 2.48
C THR A 32 -5.60 -29.53 3.74
N THR A 33 -5.07 -30.10 4.82
CA THR A 33 -4.98 -29.38 6.09
C THR A 33 -4.04 -28.20 5.99
N THR A 34 -2.94 -28.38 5.25
CA THR A 34 -1.97 -27.29 5.08
C THR A 34 -2.68 -26.13 4.38
N LEU A 35 -3.36 -26.43 3.29
CA LEU A 35 -4.06 -25.41 2.52
C LEU A 35 -5.20 -24.77 3.33
N LYS A 36 -5.91 -25.57 4.11
CA LYS A 36 -7.01 -25.05 4.91
C LYS A 36 -6.48 -24.01 5.90
N GLU A 37 -5.32 -24.29 6.48
CA GLU A 37 -4.70 -23.38 7.44
C GLU A 37 -4.18 -22.12 6.76
N MET A 38 -3.79 -22.25 5.49
CA MET A 38 -3.30 -21.10 4.72
C MET A 38 -4.39 -20.08 4.45
N ILE A 39 -5.53 -20.53 3.94
CA ILE A 39 -6.60 -19.58 3.66
C ILE A 39 -7.19 -19.03 4.96
N GLU A 40 -7.15 -19.82 6.04
CA GLU A 40 -7.65 -19.36 7.33
C GLU A 40 -6.75 -18.20 7.77
N PHE A 41 -5.44 -18.38 7.59
CA PHE A 41 -4.45 -17.37 7.96
C PHE A 41 -4.73 -16.05 7.23
N VAL A 42 -4.87 -16.12 5.91
CA VAL A 42 -5.11 -14.92 5.12
C VAL A 42 -6.39 -14.21 5.54
N ILE A 43 -7.46 -14.96 5.73
CA ILE A 43 -8.73 -14.34 6.12
C ILE A 43 -8.65 -13.76 7.53
N ASN A 44 -8.01 -14.49 8.45
CA ASN A 44 -7.88 -14.00 9.82
C ASN A 44 -7.03 -12.73 9.89
N SER A 45 -6.01 -12.65 9.03
CA SER A 45 -5.13 -11.49 9.02
C SER A 45 -5.87 -10.20 8.67
N GLN A 46 -7.02 -10.33 8.02
CA GLN A 46 -7.81 -9.17 7.63
C GLN A 46 -8.87 -8.78 8.66
N ASP A 47 -8.96 -9.57 9.73
CA ASP A 47 -9.90 -9.32 10.82
C ASP A 47 -9.07 -8.73 11.97
N PRO A 48 -9.30 -7.45 12.31
CA PRO A 48 -8.56 -6.78 13.39
C PRO A 48 -8.47 -7.60 14.67
N GLU A 49 -9.61 -8.17 15.08
CA GLU A 49 -9.67 -8.96 16.31
C GLU A 49 -8.73 -10.16 16.25
N MET A 50 -8.87 -10.97 15.20
CA MET A 50 -8.04 -12.15 15.04
C MET A 50 -6.58 -11.79 14.77
N ALA A 51 -6.35 -10.75 13.98
CA ALA A 51 -5.00 -10.32 13.66
C ALA A 51 -4.22 -9.96 14.92
N GLU A 52 -4.89 -9.33 15.88
CA GLU A 52 -4.22 -8.95 17.11
C GLU A 52 -4.05 -10.17 18.01
N LYS A 53 -5.11 -10.97 18.13
CA LYS A 53 -5.09 -12.16 18.97
C LYS A 53 -3.90 -13.05 18.62
N TYR A 54 -3.40 -12.94 17.40
CA TYR A 54 -2.25 -13.74 16.95
C TYR A 54 -1.16 -12.91 16.29
N SER A 55 -1.19 -11.60 16.53
CA SER A 55 -0.21 -10.68 15.95
C SER A 55 0.10 -10.98 14.49
N LEU A 56 -0.96 -10.99 13.67
CA LEU A 56 -0.81 -11.27 12.24
C LEU A 56 -0.72 -10.01 11.41
N ARG A 57 0.25 -9.99 10.50
CA ARG A 57 0.40 -8.86 9.60
C ARG A 57 -0.65 -9.09 8.51
N PRO A 58 -1.53 -8.11 8.28
CA PRO A 58 -2.58 -8.23 7.27
C PRO A 58 -1.99 -8.45 5.88
N GLY A 59 -2.59 -9.37 5.13
CA GLY A 59 -2.13 -9.68 3.79
C GLY A 59 -3.31 -10.17 2.96
N ILE A 60 -3.13 -10.23 1.64
CA ILE A 60 -4.23 -10.68 0.78
C ILE A 60 -3.94 -11.95 0.02
N GLY A 61 -2.89 -12.66 0.40
CA GLY A 61 -2.54 -13.90 -0.27
C GLY A 61 -1.38 -14.59 0.44
N LEU A 62 -1.20 -15.87 0.15
CA LEU A 62 -0.12 -16.63 0.76
C LEU A 62 0.24 -17.85 -0.09
N ALA A 63 1.52 -18.19 -0.14
CA ALA A 63 1.99 -19.34 -0.88
C ALA A 63 2.61 -20.33 0.11
N ALA A 64 2.43 -21.63 -0.13
CA ALA A 64 2.94 -22.66 0.76
C ALA A 64 4.43 -22.52 1.11
N PRO A 65 5.29 -22.28 0.12
CA PRO A 65 6.72 -22.13 0.43
C PRO A 65 6.95 -21.13 1.57
N GLN A 66 6.14 -20.08 1.59
CA GLN A 66 6.25 -19.05 2.63
C GLN A 66 6.10 -19.58 4.05
N ILE A 67 5.43 -20.72 4.20
CA ILE A 67 5.26 -21.30 5.52
C ILE A 67 6.11 -22.57 5.67
N GLY A 68 7.14 -22.68 4.84
CA GLY A 68 8.03 -23.83 4.92
C GLY A 68 7.62 -25.07 4.15
N VAL A 69 6.51 -25.01 3.43
CA VAL A 69 6.05 -26.17 2.66
C VAL A 69 6.33 -25.94 1.18
N SER A 70 7.25 -26.71 0.61
CA SER A 70 7.62 -26.58 -0.80
C SER A 70 6.69 -27.37 -1.74
N LYS A 71 5.43 -26.96 -1.76
CA LYS A 71 4.44 -27.61 -2.61
C LYS A 71 3.61 -26.54 -3.31
N LYS A 72 3.04 -26.86 -4.46
CA LYS A 72 2.24 -25.91 -5.21
C LYS A 72 0.86 -25.65 -4.59
N MET A 73 0.81 -24.73 -3.63
CA MET A 73 -0.43 -24.35 -2.96
C MET A 73 -0.47 -22.84 -2.68
N ILE A 74 -1.61 -22.20 -2.95
CA ILE A 74 -1.75 -20.78 -2.67
C ILE A 74 -3.13 -20.45 -2.11
N ALA A 75 -3.18 -19.34 -1.36
CA ALA A 75 -4.42 -18.84 -0.76
C ALA A 75 -4.51 -17.38 -1.19
N VAL A 76 -5.68 -17.00 -1.70
CA VAL A 76 -5.92 -15.64 -2.14
C VAL A 76 -7.26 -15.19 -1.56
N HIS A 77 -7.27 -13.99 -0.98
CA HIS A 77 -8.48 -13.44 -0.41
C HIS A 77 -8.33 -11.93 -0.59
N VAL A 78 -8.81 -11.44 -1.73
CA VAL A 78 -8.68 -10.04 -2.06
C VAL A 78 -10.03 -9.50 -2.54
N THR A 79 -10.30 -8.24 -2.23
CA THR A 79 -11.55 -7.62 -2.66
C THR A 79 -11.17 -6.45 -3.54
N ASP A 80 -11.75 -6.36 -4.73
CA ASP A 80 -11.41 -5.27 -5.64
C ASP A 80 -12.25 -4.04 -5.32
N ALA A 81 -12.03 -2.96 -6.06
CA ALA A 81 -12.74 -1.70 -5.85
C ALA A 81 -14.26 -1.81 -5.87
N ASP A 82 -14.78 -2.71 -6.69
CA ASP A 82 -16.23 -2.87 -6.77
C ASP A 82 -16.79 -3.70 -5.63
N GLY A 83 -15.92 -4.07 -4.69
CA GLY A 83 -16.38 -4.84 -3.56
C GLY A 83 -16.51 -6.31 -3.90
N THR A 84 -15.92 -6.71 -5.03
CA THR A 84 -15.97 -8.09 -5.47
C THR A 84 -14.89 -8.87 -4.72
N LEU A 85 -15.30 -9.98 -4.11
CA LEU A 85 -14.37 -10.81 -3.35
C LEU A 85 -13.86 -11.98 -4.17
N TYR A 86 -12.55 -12.20 -4.13
CA TYR A 86 -11.93 -13.30 -4.83
C TYR A 86 -11.25 -14.11 -3.73
N SER A 87 -11.90 -15.19 -3.32
CA SER A 87 -11.37 -16.02 -2.25
C SER A 87 -11.13 -17.42 -2.77
N HIS A 88 -9.86 -17.81 -2.83
CA HIS A 88 -9.50 -19.11 -3.37
C HIS A 88 -8.40 -19.82 -2.60
N ALA A 89 -8.59 -21.13 -2.40
CA ALA A 89 -7.60 -21.98 -1.73
C ALA A 89 -7.31 -23.02 -2.82
N LEU A 90 -6.12 -22.94 -3.41
CA LEU A 90 -5.79 -23.80 -4.53
C LEU A 90 -4.54 -24.66 -4.54
N PHE A 91 -4.67 -25.84 -5.15
CA PHE A 91 -3.58 -26.78 -5.33
C PHE A 91 -3.13 -26.64 -6.79
N ASN A 92 -1.83 -26.73 -7.03
CA ASN A 92 -1.26 -26.63 -8.37
C ASN A 92 -1.80 -25.52 -9.26
N PRO A 93 -1.81 -24.27 -8.76
CA PRO A 93 -2.31 -23.17 -9.58
C PRO A 93 -1.28 -22.85 -10.67
N LYS A 94 -1.76 -22.55 -11.87
CA LYS A 94 -0.87 -22.25 -12.98
C LYS A 94 -1.51 -21.29 -13.95
N ILE A 95 -0.71 -20.35 -14.47
CA ILE A 95 -1.18 -19.36 -15.44
C ILE A 95 -1.08 -20.02 -16.81
N ILE A 96 -2.21 -20.32 -17.43
CA ILE A 96 -2.19 -20.96 -18.73
C ILE A 96 -2.16 -19.95 -19.87
N SER A 97 -2.41 -18.68 -19.54
CA SER A 97 -2.39 -17.62 -20.53
C SER A 97 -2.45 -16.26 -19.86
N HIS A 98 -1.72 -15.29 -20.42
CA HIS A 98 -1.71 -13.96 -19.86
C HIS A 98 -1.65 -12.93 -20.99
N SER A 99 -2.27 -11.78 -20.75
CA SER A 99 -2.28 -10.71 -21.75
C SER A 99 -0.87 -10.22 -22.00
N VAL A 100 -0.68 -9.57 -23.14
CA VAL A 100 0.62 -9.01 -23.49
C VAL A 100 0.72 -7.70 -22.71
N GLU A 101 -0.40 -6.99 -22.63
CA GLU A 101 -0.48 -5.72 -21.93
C GLU A 101 -0.22 -5.93 -20.45
N ARG A 102 0.46 -4.97 -19.81
CA ARG A 102 0.77 -5.07 -18.40
C ARG A 102 0.22 -3.93 -17.55
N THR A 103 0.26 -4.13 -16.23
CA THR A 103 -0.22 -3.14 -15.29
C THR A 103 0.61 -3.23 -14.02
N TYR A 104 0.32 -2.37 -13.06
CA TYR A 104 1.10 -2.37 -11.83
C TYR A 104 0.55 -1.43 -10.77
N LEU A 105 0.80 -1.75 -9.51
CA LEU A 105 0.38 -0.87 -8.42
C LEU A 105 1.41 0.27 -8.38
N GLN A 106 0.93 1.52 -8.41
CA GLN A 106 1.86 2.64 -8.38
C GLN A 106 2.61 2.73 -7.06
N GLY A 107 2.05 2.17 -5.99
CA GLY A 107 2.70 2.19 -4.70
C GLY A 107 3.57 0.96 -4.48
N GLY A 108 3.75 0.17 -5.53
CA GLY A 108 4.58 -1.03 -5.44
C GLY A 108 3.93 -2.22 -4.76
N GLU A 109 4.75 -3.19 -4.37
CA GLU A 109 4.27 -4.39 -3.69
C GLU A 109 5.10 -4.71 -2.45
N GLY A 110 4.45 -5.36 -1.49
CA GLY A 110 5.11 -5.77 -0.27
C GLY A 110 4.95 -7.28 -0.18
N CYS A 111 5.73 -7.93 0.68
CA CYS A 111 5.67 -9.38 0.81
C CYS A 111 5.87 -9.77 2.27
N LEU A 112 5.07 -10.73 2.73
CA LEU A 112 5.17 -11.19 4.11
C LEU A 112 6.53 -11.81 4.40
N SER A 113 7.20 -12.30 3.37
CA SER A 113 8.52 -12.93 3.52
C SER A 113 9.67 -11.94 3.42
N VAL A 114 9.35 -10.68 3.15
CA VAL A 114 10.37 -9.64 3.01
C VAL A 114 10.21 -8.54 4.06
N ASP A 115 11.08 -8.56 5.07
CA ASP A 115 11.04 -7.58 6.15
C ASP A 115 11.70 -6.27 5.77
N ARG A 116 11.36 -5.75 4.61
CA ARG A 116 11.92 -4.49 4.14
C ARG A 116 11.14 -3.98 2.96
N GLU A 117 11.28 -2.67 2.71
CA GLU A 117 10.59 -2.02 1.62
C GLU A 117 11.49 -1.94 0.38
N VAL A 118 10.94 -2.32 -0.77
CA VAL A 118 11.67 -2.28 -2.02
C VAL A 118 10.82 -1.50 -3.02
N PRO A 119 10.99 -0.17 -3.08
CA PRO A 119 10.23 0.69 -3.98
C PRO A 119 10.42 0.35 -5.46
N GLY A 120 9.42 0.69 -6.26
CA GLY A 120 9.47 0.43 -7.68
C GLY A 120 8.24 -0.30 -8.17
N TYR A 121 7.88 -0.07 -9.43
CA TYR A 121 6.72 -0.73 -10.01
C TYR A 121 7.05 -2.21 -10.18
N VAL A 122 6.06 -3.06 -9.93
CA VAL A 122 6.24 -4.50 -10.13
C VAL A 122 5.31 -4.80 -11.31
N PRO A 123 5.85 -4.79 -12.54
CA PRO A 123 5.05 -5.07 -13.73
C PRO A 123 4.34 -6.41 -13.65
N ARG A 124 3.05 -6.41 -13.98
CA ARG A 124 2.22 -7.61 -13.94
C ARG A 124 1.35 -7.64 -15.17
N TYR A 125 0.98 -8.84 -15.63
CA TYR A 125 0.09 -8.93 -16.77
C TYR A 125 -1.28 -8.47 -16.28
N THR A 126 -1.94 -7.66 -17.10
CA THR A 126 -3.25 -7.11 -16.74
C THR A 126 -4.33 -8.17 -16.60
N ARG A 127 -4.30 -9.16 -17.48
CA ARG A 127 -5.28 -10.23 -17.46
C ARG A 127 -4.60 -11.59 -17.51
N ILE A 128 -5.12 -12.54 -16.74
CA ILE A 128 -4.56 -13.88 -16.73
C ILE A 128 -5.65 -14.94 -16.59
N THR A 129 -5.38 -16.12 -17.12
CA THR A 129 -6.30 -17.24 -17.01
C THR A 129 -5.57 -18.26 -16.16
N VAL A 130 -6.16 -18.62 -15.04
CA VAL A 130 -5.54 -19.58 -14.14
C VAL A 130 -6.35 -20.86 -14.06
N LYS A 131 -5.64 -21.98 -14.04
CA LYS A 131 -6.27 -23.29 -13.92
C LYS A 131 -5.67 -23.93 -12.65
N ALA A 132 -6.52 -24.54 -11.84
CA ALA A 132 -6.05 -25.16 -10.62
C ALA A 132 -7.14 -26.07 -10.09
N THR A 133 -6.88 -26.67 -8.93
CA THR A 133 -7.86 -27.53 -8.29
C THR A 133 -8.15 -26.94 -6.92
N SER A 134 -9.41 -26.63 -6.67
CA SER A 134 -9.84 -26.05 -5.39
C SER A 134 -9.62 -27.01 -4.23
N ILE A 135 -9.60 -26.47 -3.02
CA ILE A 135 -9.43 -27.29 -1.83
C ILE A 135 -10.60 -28.26 -1.72
N ASN A 136 -11.71 -27.87 -2.33
CA ASN A 136 -12.92 -28.67 -2.34
C ASN A 136 -12.79 -29.87 -3.29
N GLY A 137 -11.67 -29.93 -4.01
CA GLY A 137 -11.44 -31.05 -4.91
C GLY A 137 -11.79 -30.85 -6.38
N GLU A 138 -12.46 -29.76 -6.69
CA GLU A 138 -12.86 -29.49 -8.08
C GLU A 138 -11.83 -28.65 -8.84
N GLU A 139 -11.65 -28.94 -10.12
CA GLU A 139 -10.72 -28.17 -10.94
C GLU A 139 -11.43 -26.86 -11.24
N VAL A 140 -10.67 -25.78 -11.34
CA VAL A 140 -11.26 -24.48 -11.62
C VAL A 140 -10.50 -23.72 -12.69
N LYS A 141 -11.21 -22.87 -13.42
CA LYS A 141 -10.60 -22.06 -14.47
C LYS A 141 -11.04 -20.63 -14.22
N LEU A 142 -10.12 -19.83 -13.70
CA LEU A 142 -10.39 -18.44 -13.36
C LEU A 142 -9.76 -17.44 -14.32
N ARG A 143 -10.53 -16.42 -14.67
CA ARG A 143 -10.06 -15.35 -15.52
C ARG A 143 -10.02 -14.11 -14.63
N LEU A 144 -8.81 -13.63 -14.36
CA LEU A 144 -8.62 -12.49 -13.46
C LEU A 144 -8.01 -11.28 -14.12
N LYS A 145 -8.28 -10.11 -13.55
CA LYS A 145 -7.74 -8.86 -14.04
C LYS A 145 -7.49 -7.95 -12.85
N GLY A 146 -6.79 -6.84 -13.09
CA GLY A 146 -6.54 -5.90 -12.01
C GLY A 146 -5.85 -6.47 -10.78
N LEU A 147 -6.24 -5.99 -9.60
CA LEU A 147 -5.63 -6.44 -8.35
C LEU A 147 -5.65 -7.95 -8.16
N PRO A 148 -6.78 -8.61 -8.43
CA PRO A 148 -6.79 -10.07 -8.24
C PRO A 148 -5.73 -10.76 -9.10
N ALA A 149 -5.58 -10.32 -10.34
CA ALA A 149 -4.59 -10.91 -11.24
C ALA A 149 -3.19 -10.67 -10.69
N ILE A 150 -2.98 -9.50 -10.10
CA ILE A 150 -1.67 -9.16 -9.53
C ILE A 150 -1.35 -10.09 -8.36
N VAL A 151 -2.32 -10.27 -7.46
CA VAL A 151 -2.10 -11.14 -6.31
C VAL A 151 -1.82 -12.57 -6.75
N PHE A 152 -2.56 -13.07 -7.74
CA PHE A 152 -2.30 -14.43 -8.21
C PHE A 152 -0.89 -14.58 -8.76
N GLN A 153 -0.44 -13.60 -9.52
CA GLN A 153 0.91 -13.65 -10.09
C GLN A 153 1.98 -13.63 -9.00
N HIS A 154 1.76 -12.83 -7.97
CA HIS A 154 2.69 -12.74 -6.85
C HIS A 154 2.77 -14.10 -6.14
N GLU A 155 1.61 -14.71 -5.87
CA GLU A 155 1.60 -15.99 -5.17
C GLU A 155 2.15 -17.14 -6.00
N ILE A 156 1.82 -17.16 -7.29
CA ILE A 156 2.32 -18.21 -8.16
C ILE A 156 3.83 -18.03 -8.37
N ASP A 157 4.30 -16.78 -8.34
CA ASP A 157 5.74 -16.51 -8.50
C ASP A 157 6.48 -17.22 -7.38
N HIS A 158 5.90 -17.18 -6.19
CA HIS A 158 6.48 -17.83 -5.03
C HIS A 158 6.69 -19.32 -5.25
N LEU A 159 5.77 -19.93 -6.00
CA LEU A 159 5.86 -21.36 -6.30
C LEU A 159 6.97 -21.68 -7.29
N ASN A 160 7.44 -20.67 -8.00
CA ASN A 160 8.50 -20.86 -8.97
C ASN A 160 9.82 -20.23 -8.51
N GLY A 161 9.93 -19.95 -7.22
CA GLY A 161 11.14 -19.36 -6.68
C GLY A 161 11.42 -17.95 -7.15
N VAL A 162 10.35 -17.20 -7.40
CA VAL A 162 10.44 -15.82 -7.86
C VAL A 162 9.90 -14.87 -6.80
N MET A 163 10.63 -13.78 -6.56
CA MET A 163 10.23 -12.77 -5.59
C MET A 163 9.78 -11.51 -6.32
N PHE A 164 8.91 -10.73 -5.69
CA PHE A 164 8.37 -9.55 -6.35
C PHE A 164 9.43 -8.58 -6.85
N TYR A 165 10.47 -8.34 -6.07
CA TYR A 165 11.50 -7.41 -6.50
C TYR A 165 12.33 -7.87 -7.69
N ASP A 166 12.21 -9.14 -8.07
CA ASP A 166 12.96 -9.63 -9.22
C ASP A 166 12.45 -8.93 -10.47
N HIS A 167 11.23 -8.41 -10.39
CA HIS A 167 10.59 -7.74 -11.53
C HIS A 167 10.81 -6.23 -11.60
N ILE A 168 11.32 -5.64 -10.53
CA ILE A 168 11.53 -4.20 -10.52
C ILE A 168 12.66 -3.76 -11.45
N ASN A 169 12.44 -2.64 -12.14
CA ASN A 169 13.41 -2.11 -13.08
C ASN A 169 14.82 -2.00 -12.52
N LYS A 170 15.79 -2.08 -13.42
CA LYS A 170 17.19 -2.02 -13.06
C LYS A 170 17.73 -0.60 -13.03
N GLU A 171 17.80 -0.03 -11.82
CA GLU A 171 18.30 1.32 -11.60
C GLU A 171 17.36 2.45 -12.02
N ASN A 172 16.07 2.15 -12.09
CA ASN A 172 15.04 3.13 -12.44
C ASN A 172 13.70 2.46 -12.11
N PRO A 173 13.45 2.25 -10.81
CA PRO A 173 12.22 1.61 -10.33
C PRO A 173 10.92 2.22 -10.83
N PHE A 174 10.96 3.49 -11.25
CA PHE A 174 9.74 4.15 -11.70
C PHE A 174 9.61 4.43 -13.19
N ALA A 175 10.20 3.58 -14.00
CA ALA A 175 10.11 3.72 -15.45
C ALA A 175 8.82 3.03 -15.88
N ALA A 176 8.09 3.65 -16.81
CA ALA A 176 6.84 3.09 -17.31
C ALA A 176 7.08 1.86 -18.19
N PRO A 177 6.65 0.68 -17.71
CA PRO A 177 6.84 -0.55 -18.48
C PRO A 177 6.24 -0.44 -19.89
N ASP A 178 6.92 -1.02 -20.87
CA ASP A 178 6.42 -0.99 -22.24
C ASP A 178 5.03 -1.60 -22.31
N ASP A 179 4.13 -0.96 -23.04
CA ASP A 179 2.76 -1.45 -23.19
C ASP A 179 2.13 -1.78 -21.84
N SER A 180 1.79 -0.74 -21.09
CA SER A 180 1.20 -0.91 -19.78
C SER A 180 0.52 0.37 -19.32
N LYS A 181 -0.10 0.31 -18.15
CA LYS A 181 -0.78 1.45 -17.58
C LYS A 181 -1.02 1.15 -16.11
N PRO A 182 -0.94 2.19 -15.25
CA PRO A 182 -1.16 1.99 -13.81
C PRO A 182 -2.48 1.28 -13.60
N LEU A 183 -2.59 0.56 -12.50
CA LEU A 183 -3.82 -0.18 -12.20
C LEU A 183 -5.04 0.71 -12.25
N GLU A 184 -6.08 0.26 -12.96
CA GLU A 184 -7.31 1.03 -13.10
C GLU A 184 -8.43 0.47 -12.22
N ARG A 185 -9.45 1.30 -11.97
CA ARG A 185 -10.59 0.89 -11.16
C ARG A 185 -11.67 0.25 -12.02
N MET B 2 11.48 22.99 -10.77
CA MET B 2 10.55 21.99 -10.18
C MET B 2 11.24 21.13 -9.13
N LEU B 3 10.45 20.46 -8.30
CA LEU B 3 10.98 19.61 -7.25
C LEU B 3 11.25 18.20 -7.72
N THR B 4 12.26 17.57 -7.14
CA THR B 4 12.62 16.20 -7.46
C THR B 4 12.90 15.51 -6.15
N MET B 5 13.14 14.20 -6.18
CA MET B 5 13.40 13.44 -4.96
C MET B 5 14.61 13.96 -4.18
N LYS B 6 15.51 14.66 -4.85
CA LYS B 6 16.68 15.19 -4.16
C LYS B 6 16.30 16.32 -3.22
N ASP B 7 15.18 16.98 -3.50
CA ASP B 7 14.70 18.07 -2.68
C ASP B 7 13.99 17.54 -1.43
N VAL B 8 13.56 16.28 -1.49
CA VAL B 8 12.86 15.67 -0.36
C VAL B 8 13.77 15.31 0.81
N ILE B 9 13.57 15.98 1.93
CA ILE B 9 14.33 15.76 3.15
C ILE B 9 13.89 14.43 3.77
N ARG B 10 14.84 13.69 4.34
CA ARG B 10 14.51 12.40 4.95
C ARG B 10 14.69 12.45 6.47
N GLU B 11 14.10 11.49 7.17
CA GLU B 11 14.22 11.46 8.61
C GLU B 11 15.69 11.57 8.96
N GLY B 12 15.98 12.24 10.07
CA GLY B 12 17.36 12.45 10.47
C GLY B 12 17.58 13.94 10.47
N ASP B 13 16.88 14.63 9.56
CA ASP B 13 16.97 16.08 9.46
C ASP B 13 16.04 16.67 10.51
N PRO B 14 16.54 17.61 11.32
CA PRO B 14 15.78 18.26 12.38
C PRO B 14 14.51 19.00 11.97
N ILE B 15 14.46 19.47 10.71
CA ILE B 15 13.31 20.21 10.25
C ILE B 15 12.01 19.41 10.34
N LEU B 16 12.11 18.09 10.20
CA LEU B 16 10.91 17.25 10.26
C LEU B 16 10.33 17.16 11.66
N ARG B 17 11.10 17.57 12.67
CA ARG B 17 10.61 17.51 14.04
C ARG B 17 10.26 18.86 14.65
N ASN B 18 10.35 19.91 13.85
CA ASN B 18 10.00 21.25 14.33
C ASN B 18 8.57 21.55 13.93
N VAL B 19 7.98 22.56 14.57
CA VAL B 19 6.63 22.97 14.25
C VAL B 19 6.72 24.04 13.18
N ALA B 20 6.06 23.82 12.05
CA ALA B 20 6.10 24.76 10.94
C ALA B 20 5.51 26.12 11.30
N GLU B 21 6.05 27.17 10.68
CA GLU B 21 5.57 28.52 10.93
C GLU B 21 4.39 28.87 10.04
N GLU B 22 3.44 29.61 10.60
CA GLU B 22 2.27 30.04 9.87
C GLU B 22 2.72 30.86 8.68
N VAL B 23 2.02 30.71 7.55
CA VAL B 23 2.34 31.45 6.33
C VAL B 23 1.62 32.79 6.42
N SER B 24 2.32 33.87 6.09
CA SER B 24 1.68 35.18 6.14
C SER B 24 0.84 35.38 4.89
N LEU B 25 -0.36 35.91 5.07
CA LEU B 25 -1.26 36.15 3.94
C LEU B 25 -1.59 37.63 3.80
N PRO B 26 -1.82 38.11 2.57
CA PRO B 26 -1.80 37.36 1.31
C PRO B 26 -0.43 36.72 1.06
N ALA B 27 -0.44 35.53 0.48
CA ALA B 27 0.81 34.80 0.21
C ALA B 27 1.78 35.57 -0.69
N SER B 28 3.05 35.53 -0.30
CA SER B 28 4.11 36.18 -1.06
C SER B 28 4.34 35.36 -2.30
N GLU B 29 5.05 35.92 -3.27
CA GLU B 29 5.34 35.18 -4.49
C GLU B 29 6.19 33.95 -4.20
N GLU B 30 7.06 34.07 -3.20
CA GLU B 30 7.94 32.96 -2.82
C GLU B 30 7.14 31.78 -2.26
N ASP B 31 6.23 32.07 -1.34
CA ASP B 31 5.42 31.02 -0.73
C ASP B 31 4.43 30.42 -1.74
N THR B 32 3.91 31.25 -2.64
CA THR B 32 2.98 30.75 -3.66
C THR B 32 3.73 29.80 -4.58
N THR B 33 4.94 30.18 -4.96
CA THR B 33 5.76 29.34 -5.84
C THR B 33 6.10 28.00 -5.19
N THR B 34 6.44 28.04 -3.91
CA THR B 34 6.79 26.82 -3.19
C THR B 34 5.60 25.86 -3.19
N LEU B 35 4.42 26.38 -2.89
CA LEU B 35 3.22 25.56 -2.86
C LEU B 35 2.88 25.05 -4.25
N LYS B 36 3.09 25.87 -5.27
CA LYS B 36 2.81 25.47 -6.64
C LYS B 36 3.70 24.28 -7.04
N GLU B 37 4.98 24.37 -6.69
CA GLU B 37 5.90 23.29 -7.03
C GLU B 37 5.54 22.02 -6.25
N MET B 38 5.01 22.19 -5.05
CA MET B 38 4.62 21.04 -4.23
C MET B 38 3.50 20.22 -4.85
N ILE B 39 2.41 20.89 -5.26
CA ILE B 39 1.29 20.17 -5.86
C ILE B 39 1.67 19.61 -7.24
N GLU B 40 2.52 20.33 -7.96
CA GLU B 40 2.97 19.87 -9.27
C GLU B 40 3.73 18.55 -9.08
N PHE B 41 4.54 18.50 -8.02
CA PHE B 41 5.32 17.31 -7.67
C PHE B 41 4.45 16.09 -7.39
N VAL B 42 3.45 16.26 -6.53
CA VAL B 42 2.57 15.14 -6.19
C VAL B 42 1.83 14.63 -7.43
N ILE B 43 1.32 15.54 -8.23
CA ILE B 43 0.59 15.17 -9.43
C ILE B 43 1.52 14.47 -10.44
N ASN B 44 2.71 15.04 -10.64
CA ASN B 44 3.67 14.45 -11.56
C ASN B 44 4.12 13.06 -11.10
N SER B 45 4.18 12.85 -9.78
CA SER B 45 4.61 11.54 -9.28
C SER B 45 3.60 10.45 -9.62
N GLN B 46 2.37 10.85 -9.92
CA GLN B 46 1.32 9.88 -10.26
C GLN B 46 1.13 9.73 -11.77
N ASP B 47 1.91 10.49 -12.54
CA ASP B 47 1.85 10.44 -13.99
C ASP B 47 3.02 9.60 -14.50
N PRO B 48 2.73 8.41 -15.06
CA PRO B 48 3.76 7.52 -15.58
C PRO B 48 4.88 8.23 -16.36
N GLU B 49 4.48 9.10 -17.29
CA GLU B 49 5.45 9.82 -18.11
C GLU B 49 6.39 10.70 -17.30
N MET B 50 5.83 11.55 -16.44
CA MET B 50 6.62 12.45 -15.62
C MET B 50 7.40 11.73 -14.51
N ALA B 51 6.78 10.73 -13.90
CA ALA B 51 7.46 9.99 -12.85
C ALA B 51 8.71 9.34 -13.42
N GLU B 52 8.61 8.82 -14.64
CA GLU B 52 9.75 8.18 -15.28
C GLU B 52 10.82 9.23 -15.61
N LYS B 53 10.40 10.29 -16.29
CA LYS B 53 11.31 11.36 -16.69
C LYS B 53 12.12 11.96 -15.55
N TYR B 54 11.46 12.29 -14.45
CA TYR B 54 12.15 12.89 -13.32
C TYR B 54 12.38 11.92 -12.17
N SER B 55 12.15 10.63 -12.44
CA SER B 55 12.36 9.58 -11.44
C SER B 55 11.71 9.90 -10.10
N LEU B 56 10.40 10.15 -10.14
CA LEU B 56 9.65 10.49 -8.94
C LEU B 56 8.98 9.29 -8.32
N ARG B 57 9.09 9.16 -7.00
CA ARG B 57 8.43 8.07 -6.30
C ARG B 57 6.97 8.51 -6.13
N PRO B 58 6.02 7.70 -6.60
CA PRO B 58 4.59 8.01 -6.50
C PRO B 58 4.13 8.22 -5.06
N GLY B 59 3.37 9.29 -4.85
CA GLY B 59 2.85 9.60 -3.53
C GLY B 59 1.53 10.35 -3.67
N ILE B 60 0.81 10.52 -2.58
CA ILE B 60 -0.48 11.21 -2.65
C ILE B 60 -0.59 12.49 -1.82
N GLY B 61 0.55 12.97 -1.32
CA GLY B 61 0.55 14.18 -0.53
C GLY B 61 1.97 14.63 -0.21
N LEU B 62 2.12 15.88 0.20
CA LEU B 62 3.44 16.41 0.54
C LEU B 62 3.26 17.63 1.43
N ALA B 63 4.18 17.81 2.37
CA ALA B 63 4.15 18.96 3.28
C ALA B 63 5.46 19.74 3.12
N ALA B 64 5.37 21.06 3.22
CA ALA B 64 6.54 21.94 3.05
C ALA B 64 7.80 21.48 3.80
N PRO B 65 7.66 21.04 5.06
CA PRO B 65 8.84 20.59 5.81
C PRO B 65 9.64 19.49 5.11
N GLN B 66 8.94 18.61 4.39
CA GLN B 66 9.62 17.54 3.68
C GLN B 66 10.53 18.01 2.56
N ILE B 67 10.38 19.26 2.14
CA ILE B 67 11.23 19.83 1.09
C ILE B 67 12.11 20.95 1.61
N GLY B 68 12.36 20.94 2.92
CA GLY B 68 13.22 21.94 3.53
C GLY B 68 12.62 23.27 3.91
N VAL B 69 11.30 23.41 3.75
CA VAL B 69 10.65 24.68 4.10
C VAL B 69 9.76 24.51 5.32
N SER B 70 10.17 25.10 6.43
CA SER B 70 9.42 25.00 7.67
C SER B 70 8.27 26.00 7.74
N LYS B 71 7.29 25.83 6.85
CA LYS B 71 6.12 26.68 6.79
C LYS B 71 4.86 25.81 6.61
N LYS B 72 3.73 26.28 7.10
CA LYS B 72 2.47 25.52 7.00
C LYS B 72 1.87 25.47 5.59
N MET B 73 2.34 24.52 4.79
CA MET B 73 1.85 24.31 3.44
C MET B 73 1.74 22.82 3.17
N ILE B 74 0.68 22.41 2.49
CA ILE B 74 0.52 21.00 2.14
C ILE B 74 -0.12 20.85 0.77
N ALA B 75 0.19 19.74 0.12
CA ALA B 75 -0.36 19.44 -1.19
C ALA B 75 -0.98 18.07 -1.05
N VAL B 76 -2.21 17.91 -1.52
CA VAL B 76 -2.86 16.62 -1.44
C VAL B 76 -3.46 16.32 -2.81
N HIS B 77 -3.28 15.09 -3.26
CA HIS B 77 -3.82 14.67 -4.55
C HIS B 77 -4.12 13.19 -4.40
N VAL B 78 -5.31 12.89 -3.91
CA VAL B 78 -5.71 11.51 -3.68
C VAL B 78 -7.08 11.20 -4.28
N THR B 79 -7.24 9.96 -4.72
CA THR B 79 -8.50 9.52 -5.31
C THR B 79 -9.11 8.52 -4.33
N ASP B 80 -10.35 8.76 -3.91
CA ASP B 80 -11.00 7.86 -2.95
C ASP B 80 -11.56 6.60 -3.60
N ALA B 81 -12.16 5.73 -2.80
CA ALA B 81 -12.71 4.46 -3.28
C ALA B 81 -13.77 4.60 -4.36
N ASP B 82 -14.44 5.75 -4.41
CA ASP B 82 -15.48 5.99 -5.41
C ASP B 82 -14.91 6.56 -6.70
N GLY B 83 -13.59 6.79 -6.72
CA GLY B 83 -12.96 7.34 -7.91
C GLY B 83 -12.99 8.85 -7.96
N THR B 84 -13.38 9.48 -6.87
CA THR B 84 -13.44 10.94 -6.79
C THR B 84 -12.06 11.48 -6.44
N LEU B 85 -11.65 12.53 -7.15
CA LEU B 85 -10.34 13.14 -6.91
C LEU B 85 -10.41 14.29 -5.89
N TYR B 86 -9.46 14.30 -4.95
CA TYR B 86 -9.34 15.36 -3.96
C TYR B 86 -7.97 15.94 -4.17
N SER B 87 -7.91 17.10 -4.84
CA SER B 87 -6.65 17.76 -5.15
C SER B 87 -6.65 19.16 -4.49
N HIS B 88 -5.70 19.39 -3.60
CA HIS B 88 -5.62 20.66 -2.88
C HIS B 88 -4.19 21.12 -2.63
N ALA B 89 -3.99 22.43 -2.66
CA ALA B 89 -2.70 23.06 -2.42
C ALA B 89 -3.09 24.12 -1.41
N LEU B 90 -2.73 23.90 -0.15
CA LEU B 90 -3.16 24.77 0.94
C LEU B 90 -2.13 25.44 1.84
N PHE B 91 -2.47 26.65 2.27
CA PHE B 91 -1.66 27.43 3.21
C PHE B 91 -2.35 27.33 4.57
N ASN B 92 -1.58 27.18 5.63
CA ASN B 92 -2.11 27.11 6.99
C ASN B 92 -3.28 26.18 7.25
N PRO B 93 -3.19 24.93 6.78
CA PRO B 93 -4.30 24.02 7.04
C PRO B 93 -4.37 23.68 8.52
N LYS B 94 -5.59 23.51 9.03
CA LYS B 94 -5.78 23.18 10.44
C LYS B 94 -7.09 22.40 10.59
N ILE B 95 -7.08 21.38 11.43
CA ILE B 95 -8.28 20.58 11.69
C ILE B 95 -9.07 21.34 12.76
N ILE B 96 -10.32 21.67 12.44
CA ILE B 96 -11.16 22.42 13.38
C ILE B 96 -12.26 21.55 13.96
N SER B 97 -12.46 20.39 13.36
CA SER B 97 -13.48 19.46 13.83
C SER B 97 -13.14 18.06 13.32
N HIS B 98 -13.49 17.05 14.11
CA HIS B 98 -13.23 15.67 13.70
C HIS B 98 -14.11 14.70 14.46
N SER B 99 -14.19 13.48 13.95
CA SER B 99 -14.99 12.43 14.54
C SER B 99 -14.33 11.84 15.78
N VAL B 100 -15.13 11.12 16.56
CA VAL B 100 -14.61 10.46 17.75
C VAL B 100 -13.94 9.17 17.28
N GLU B 101 -14.62 8.44 16.41
CA GLU B 101 -14.07 7.18 15.92
C GLU B 101 -12.90 7.40 14.96
N ARG B 102 -12.09 6.37 14.85
CA ARG B 102 -10.92 6.41 13.99
C ARG B 102 -10.97 5.30 12.97
N THR B 103 -10.10 5.42 11.97
CA THR B 103 -10.01 4.43 10.91
C THR B 103 -8.53 4.30 10.55
N TYR B 104 -8.20 3.33 9.70
CA TYR B 104 -6.82 3.11 9.31
C TYR B 104 -6.68 2.17 8.14
N LEU B 105 -5.57 2.30 7.43
CA LEU B 105 -5.28 1.40 6.32
C LEU B 105 -4.74 0.14 6.97
N GLN B 106 -5.28 -1.02 6.61
CA GLN B 106 -4.80 -2.26 7.20
C GLN B 106 -3.37 -2.55 6.71
N GLY B 107 -3.01 -1.95 5.58
CA GLY B 107 -1.68 -2.14 5.04
C GLY B 107 -0.68 -1.13 5.60
N GLY B 108 -1.14 -0.30 6.54
CA GLY B 108 -0.27 0.69 7.15
C GLY B 108 -0.02 1.91 6.27
N GLU B 109 1.01 2.67 6.59
CA GLU B 109 1.35 3.87 5.83
C GLU B 109 2.85 3.96 5.54
N GLY B 110 3.18 4.72 4.51
CA GLY B 110 4.56 4.95 4.13
C GLY B 110 4.75 6.46 4.04
N CYS B 111 5.99 6.92 4.08
CA CYS B 111 6.26 8.35 4.01
C CYS B 111 7.45 8.63 3.10
N LEU B 112 7.33 9.64 2.26
CA LEU B 112 8.40 10.01 1.34
C LEU B 112 9.68 10.38 2.09
N SER B 113 9.56 10.69 3.38
CA SER B 113 10.72 11.07 4.19
C SER B 113 11.30 9.88 4.97
N VAL B 114 10.63 8.74 4.90
CA VAL B 114 11.09 7.54 5.60
C VAL B 114 11.40 6.45 4.58
N ASP B 115 12.69 6.23 4.33
CA ASP B 115 13.10 5.20 3.38
C ASP B 115 13.33 3.87 4.05
N ARG B 116 12.31 3.41 4.78
CA ARG B 116 12.36 2.14 5.48
C ARG B 116 10.94 1.75 5.90
N GLU B 117 10.63 0.46 5.78
CA GLU B 117 9.31 -0.03 6.13
C GLU B 117 9.12 -0.13 7.64
N VAL B 118 7.97 0.36 8.11
CA VAL B 118 7.62 0.29 9.53
C VAL B 118 6.15 -0.13 9.58
N PRO B 119 5.91 -1.42 9.79
CA PRO B 119 4.58 -2.03 9.87
C PRO B 119 3.74 -1.58 11.05
N GLY B 120 2.43 -1.72 10.92
CA GLY B 120 1.52 -1.35 11.98
C GLY B 120 0.42 -0.39 11.56
N TYR B 121 -0.69 -0.42 12.28
CA TYR B 121 -1.81 0.47 11.96
C TYR B 121 -1.50 1.89 12.42
N VAL B 122 -1.91 2.86 11.61
CA VAL B 122 -1.73 4.28 11.93
C VAL B 122 -3.13 4.84 12.09
N PRO B 123 -3.65 4.85 13.33
CA PRO B 123 -5.00 5.35 13.66
C PRO B 123 -5.21 6.81 13.25
N ARG B 124 -6.26 7.06 12.48
CA ARG B 124 -6.61 8.41 12.03
C ARG B 124 -8.08 8.66 12.32
N TYR B 125 -8.48 9.92 12.45
CA TYR B 125 -9.90 10.20 12.69
C TYR B 125 -10.61 9.88 11.37
N THR B 126 -11.74 9.18 11.46
CA THR B 126 -12.49 8.80 10.26
C THR B 126 -13.01 10.00 9.48
N ARG B 127 -13.37 11.07 10.19
CA ARG B 127 -13.89 12.29 9.58
C ARG B 127 -13.20 13.52 10.16
N ILE B 128 -12.89 14.49 9.30
CA ILE B 128 -12.28 15.74 9.74
C ILE B 128 -12.79 16.91 8.92
N THR B 129 -12.68 18.10 9.49
CA THR B 129 -13.04 19.33 8.80
C THR B 129 -11.78 20.17 8.86
N VAL B 130 -11.29 20.57 7.69
CA VAL B 130 -10.07 21.34 7.63
C VAL B 130 -10.32 22.76 7.15
N LYS B 131 -9.71 23.72 7.82
CA LYS B 131 -9.82 25.13 7.49
C LYS B 131 -8.47 25.54 6.93
N ALA B 132 -8.47 26.27 5.83
CA ALA B 132 -7.22 26.70 5.25
C ALA B 132 -7.47 27.79 4.23
N THR B 133 -6.40 28.17 3.56
CA THR B 133 -6.48 29.17 2.51
C THR B 133 -5.82 28.53 1.29
N SER B 134 -6.59 28.42 0.22
CA SER B 134 -6.09 27.79 -1.00
C SER B 134 -5.01 28.61 -1.69
N ILE B 135 -4.25 27.96 -2.55
CA ILE B 135 -3.19 28.61 -3.30
C ILE B 135 -3.83 29.71 -4.16
N ASN B 136 -5.13 29.60 -4.40
CA ASN B 136 -5.87 30.57 -5.22
C ASN B 136 -6.18 31.82 -4.42
N GLY B 137 -5.87 31.80 -3.12
CA GLY B 137 -6.11 32.95 -2.28
C GLY B 137 -7.43 32.99 -1.52
N GLU B 138 -8.29 32.00 -1.76
CA GLU B 138 -9.58 31.96 -1.10
C GLU B 138 -9.58 31.05 0.13
N GLU B 139 -10.30 31.47 1.18
CA GLU B 139 -10.39 30.64 2.37
C GLU B 139 -11.25 29.46 1.97
N VAL B 140 -10.99 28.30 2.56
CA VAL B 140 -11.77 27.10 2.25
C VAL B 140 -12.04 26.28 3.49
N LYS B 141 -13.08 25.46 3.42
CA LYS B 141 -13.45 24.57 4.50
C LYS B 141 -13.76 23.25 3.83
N LEU B 142 -12.98 22.23 4.16
CA LEU B 142 -13.13 20.92 3.56
C LEU B 142 -13.55 19.86 4.58
N ARG B 143 -14.57 19.11 4.23
CA ARG B 143 -15.05 18.03 5.09
C ARG B 143 -14.57 16.76 4.41
N LEU B 144 -13.75 15.99 5.13
CA LEU B 144 -13.18 14.79 4.54
C LEU B 144 -13.42 13.55 5.39
N LYS B 145 -13.37 12.39 4.74
CA LYS B 145 -13.55 11.11 5.41
C LYS B 145 -12.69 10.09 4.65
N GLY B 146 -12.54 8.90 5.21
CA GLY B 146 -11.77 7.88 4.54
C GLY B 146 -10.34 8.24 4.20
N LEU B 147 -9.86 7.71 3.07
CA LEU B 147 -8.50 7.95 2.64
C LEU B 147 -8.14 9.45 2.53
N PRO B 148 -9.03 10.27 1.96
CA PRO B 148 -8.66 11.68 1.88
C PRO B 148 -8.40 12.26 3.28
N ALA B 149 -9.24 11.88 4.25
CA ALA B 149 -9.06 12.35 5.62
C ALA B 149 -7.74 11.85 6.18
N ILE B 150 -7.39 10.60 5.86
CA ILE B 150 -6.14 10.01 6.34
C ILE B 150 -4.94 10.79 5.77
N VAL B 151 -4.98 11.11 4.49
CA VAL B 151 -3.87 11.83 3.87
C VAL B 151 -3.70 13.23 4.45
N PHE B 152 -4.80 13.95 4.63
CA PHE B 152 -4.73 15.28 5.20
C PHE B 152 -4.11 15.26 6.60
N GLN B 153 -4.46 14.26 7.40
CA GLN B 153 -3.90 14.18 8.75
C GLN B 153 -2.42 13.87 8.71
N HIS B 154 -2.02 13.01 7.78
CA HIS B 154 -0.61 12.66 7.63
C HIS B 154 0.17 13.93 7.28
N GLU B 155 -0.35 14.72 6.34
CA GLU B 155 0.35 15.94 5.94
C GLU B 155 0.34 17.02 7.01
N ILE B 156 -0.80 17.24 7.65
CA ILE B 156 -0.87 18.27 8.69
C ILE B 156 0.05 17.87 9.83
N ASP B 157 0.14 16.58 10.11
CA ASP B 157 1.02 16.07 11.16
C ASP B 157 2.46 16.53 10.88
N HIS B 158 2.89 16.47 9.64
CA HIS B 158 4.25 16.92 9.29
C HIS B 158 4.47 18.38 9.73
N LEU B 159 3.42 19.19 9.63
CA LEU B 159 3.53 20.61 10.00
C LEU B 159 3.73 20.79 11.49
N ASN B 160 3.32 19.80 12.28
CA ASN B 160 3.47 19.89 13.71
C ASN B 160 4.63 19.02 14.20
N GLY B 161 5.50 18.64 13.27
CA GLY B 161 6.65 17.81 13.61
C GLY B 161 6.30 16.40 14.03
N VAL B 162 5.22 15.86 13.48
CA VAL B 162 4.77 14.51 13.80
C VAL B 162 4.93 13.57 12.59
N MET B 163 5.52 12.39 12.84
CA MET B 163 5.73 11.38 11.80
C MET B 163 4.68 10.29 11.96
N PHE B 164 4.32 9.64 10.87
CA PHE B 164 3.27 8.63 10.93
C PHE B 164 3.49 7.51 11.95
N TYR B 165 4.73 7.05 12.08
CA TYR B 165 5.02 5.96 13.02
C TYR B 165 4.87 6.35 14.48
N ASP B 166 4.72 7.64 14.74
CA ASP B 166 4.54 8.11 16.12
C ASP B 166 3.19 7.58 16.63
N HIS B 167 2.29 7.31 15.69
CA HIS B 167 0.94 6.84 16.01
C HIS B 167 0.83 5.32 16.16
N ILE B 168 1.84 4.60 15.67
CA ILE B 168 1.81 3.15 15.75
C ILE B 168 1.96 2.64 17.18
N ASN B 169 1.09 1.71 17.55
CA ASN B 169 1.11 1.14 18.89
C ASN B 169 2.48 0.58 19.18
N LYS B 170 3.11 1.10 20.23
CA LYS B 170 4.45 0.70 20.62
C LYS B 170 4.56 -0.75 21.12
N GLU B 171 3.51 -1.24 21.78
CA GLU B 171 3.53 -2.60 22.30
C GLU B 171 3.19 -3.64 21.25
N ASN B 172 2.09 -3.43 20.54
CA ASN B 172 1.66 -4.35 19.50
C ASN B 172 1.22 -3.53 18.29
N PRO B 173 2.10 -3.43 17.27
CA PRO B 173 1.79 -2.66 16.05
C PRO B 173 0.47 -3.02 15.37
N PHE B 174 -0.01 -4.24 15.57
CA PHE B 174 -1.26 -4.63 14.95
C PHE B 174 -2.41 -4.82 15.93
N ALA B 175 -2.36 -4.06 17.02
CA ALA B 175 -3.42 -4.10 18.02
C ALA B 175 -4.55 -3.25 17.45
N ALA B 176 -5.79 -3.69 17.59
CA ALA B 176 -6.92 -2.94 17.08
C ALA B 176 -7.11 -1.67 17.92
N PRO B 177 -7.00 -0.49 17.30
CA PRO B 177 -7.17 0.78 18.02
C PRO B 177 -8.54 0.87 18.66
N ASP B 178 -8.62 1.51 19.83
CA ASP B 178 -9.90 1.65 20.51
C ASP B 178 -10.91 2.43 19.66
N ASP B 179 -12.15 1.98 19.66
CA ASP B 179 -13.22 2.62 18.90
C ASP B 179 -12.74 2.96 17.49
N SER B 180 -12.57 1.94 16.67
CA SER B 180 -12.11 2.14 15.31
C SER B 180 -12.42 0.93 14.44
N LYS B 181 -12.27 1.11 13.14
CA LYS B 181 -12.49 0.03 12.20
C LYS B 181 -11.64 0.33 10.97
N PRO B 182 -11.19 -0.72 10.27
CA PRO B 182 -10.37 -0.55 9.08
C PRO B 182 -11.09 0.30 8.05
N LEU B 183 -10.32 0.89 7.15
CA LEU B 183 -10.86 1.74 6.10
C LEU B 183 -11.95 1.00 5.34
N GLU B 184 -13.01 1.72 4.94
CA GLU B 184 -14.11 1.13 4.18
C GLU B 184 -14.24 1.81 2.83
N ARG B 185 -15.11 1.30 1.98
CA ARG B 185 -15.33 1.87 0.65
C ARG B 185 -16.49 2.85 0.67
#